data_6E9H
#
_entry.id   6E9H
#
_cell.length_a   51.247
_cell.length_b   71.219
_cell.length_c   119.789
_cell.angle_alpha   90.00
_cell.angle_beta   90.00
_cell.angle_gamma   90.00
#
_symmetry.space_group_name_H-M   'P 21 21 21'
#
loop_
_entity.id
_entity.type
_entity.pdbx_description
1 polymer 'Bovine ultralong antibody BOV-3 heavy chain'
2 polymer 'Bovine ultralong antibody BOV-3 light chain'
3 water water
#
loop_
_entity_poly.entity_id
_entity_poly.type
_entity_poly.pdbx_seq_one_letter_code
_entity_poly.pdbx_strand_id
1 'polypeptide(L)'
;QVQLRESGPSLVKPSQTLSLTCTASGFSLSDKAVGWVRQAPGKALEWLGSIDTGGNAGYNPGLKSRLSITQDNSKSQVSL
SVSTVTTEDSATYYCTTVHQRTKTTKSCPDGYSDGYRCGWRRSYCGDRNCCRVDGYTSYGGTGNCASYSYTYTYEWYVDA
WGQGLLVTVSSASTTAPKVYPLSSCCGDKSSSTVTLGCLVSSYMPEPVTVTWNSGALKSGVHTFPAVLQSSGLYSLSSMV
TVPGSTSGQTFTCNVAHPASSTKVDKAVEPKSCDGS
;
A
2 'polypeptide(L)'
;EAVLNQPSSVSGSLGQRVSITCSGSSSNVGNGYVSWYQLIPGSAPRTLIYGDTSRASGVPDRFSGSRSGNTATLTISSLQ
AEDEADYFCASAEDSSSNAVFGSGTTLTVLGQPKSPPSVTLFPPSTEELNGNKATLVCLISDFYPGSVTVVWKADGSTIT
RNVETTRASKQSNSKYAASSYLSLTSSDWKSKGSYSCEVTHEGSTVTKTVKPSECS
;
B
#
# COMPACT_ATOMS: atom_id res chain seq x y z
N GLN A 3 -9.65 13.54 4.49
CA GLN A 3 -9.14 12.87 3.28
C GLN A 3 -8.07 13.70 2.59
N LEU A 4 -6.89 13.11 2.41
CA LEU A 4 -5.78 13.76 1.73
C LEU A 4 -5.64 13.22 0.32
N ARG A 5 -5.39 14.11 -0.63
CA ARG A 5 -5.33 13.77 -2.04
C ARG A 5 -3.98 14.19 -2.61
N GLU A 6 -3.23 13.23 -3.14
CA GLU A 6 -1.98 13.49 -3.81
C GLU A 6 -2.22 13.57 -5.32
N SER A 7 -1.61 14.56 -5.96
CA SER A 7 -1.74 14.74 -7.40
C SER A 7 -0.37 15.06 -7.99
N GLY A 8 -0.10 14.49 -9.17
CA GLY A 8 1.16 14.67 -9.82
C GLY A 8 1.35 13.68 -10.96
N PRO A 9 2.51 13.71 -11.60
CA PRO A 9 2.74 12.83 -12.74
C PRO A 9 2.94 11.37 -12.30
N SER A 10 2.43 10.46 -13.13
CA SER A 10 2.62 9.03 -12.86
C SER A 10 3.95 8.51 -13.39
N LEU A 11 4.54 9.19 -14.38
CA LEU A 11 5.81 8.82 -14.96
C LEU A 11 6.72 10.04 -15.03
N VAL A 12 8.00 9.83 -14.74
CA VAL A 12 9.01 10.89 -14.75
C VAL A 12 10.33 10.27 -15.21
N LYS A 13 11.09 11.00 -16.01
CA LYS A 13 12.32 10.48 -16.59
C LYS A 13 13.48 10.58 -15.59
N PRO A 14 14.49 9.72 -15.74
CA PRO A 14 15.67 9.83 -14.86
C PRO A 14 16.35 11.19 -15.00
N SER A 15 16.78 11.72 -13.86
CA SER A 15 17.45 13.01 -13.67
C SER A 15 16.47 14.18 -13.70
N GLN A 16 15.18 13.94 -13.92
CA GLN A 16 14.20 15.02 -13.86
C GLN A 16 13.85 15.32 -12.41
N THR A 17 12.99 16.32 -12.22
CA THR A 17 12.51 16.69 -10.89
C THR A 17 11.07 16.22 -10.74
N LEU A 18 10.83 15.33 -9.78
CA LEU A 18 9.49 14.85 -9.48
C LEU A 18 8.80 15.85 -8.56
N SER A 19 7.65 16.36 -8.99
CA SER A 19 6.90 17.37 -8.24
C SER A 19 5.49 16.86 -8.00
N LEU A 20 5.09 16.84 -6.73
CA LEU A 20 3.75 16.42 -6.34
C LEU A 20 3.10 17.51 -5.50
N THR A 21 1.78 17.47 -5.43
CA THR A 21 1.00 18.39 -4.61
C THR A 21 0.02 17.60 -3.76
N CYS A 22 -0.36 18.18 -2.63
CA CYS A 22 -1.30 17.54 -1.71
C CYS A 22 -2.38 18.53 -1.32
N THR A 23 -3.63 18.11 -1.45
CA THR A 23 -4.78 18.87 -0.97
C THR A 23 -5.62 17.97 -0.07
N ALA A 24 -6.36 18.60 0.84
CA ALA A 24 -7.25 17.90 1.74
C ALA A 24 -8.70 18.16 1.36
N SER A 25 -9.54 17.14 1.49
CA SER A 25 -10.97 17.25 1.24
C SER A 25 -11.69 16.95 2.54
N GLY A 26 -12.34 17.97 3.10
CA GLY A 26 -13.06 17.85 4.36
C GLY A 26 -12.55 18.74 5.47
N PHE A 27 -11.29 19.16 5.41
CA PHE A 27 -10.72 20.04 6.42
C PHE A 27 -9.67 20.92 5.76
N SER A 28 -9.00 21.74 6.57
CA SER A 28 -8.01 22.69 6.10
C SER A 28 -6.62 22.20 6.50
N LEU A 29 -5.68 22.25 5.56
CA LEU A 29 -4.29 21.92 5.86
C LEU A 29 -3.54 23.06 6.56
N SER A 30 -4.18 24.22 6.70
CA SER A 30 -3.51 25.36 7.32
C SER A 30 -3.19 25.08 8.78
N ASP A 31 -4.06 24.34 9.47
CA ASP A 31 -3.91 24.09 10.90
C ASP A 31 -3.03 22.89 11.22
N LYS A 32 -2.62 22.11 10.22
CA LYS A 32 -1.94 20.85 10.46
C LYS A 32 -0.54 20.85 9.86
N ALA A 33 0.33 20.06 10.46
CA ALA A 33 1.64 19.79 9.89
C ALA A 33 1.53 18.68 8.85
N VAL A 34 2.03 18.93 7.65
CA VAL A 34 1.86 18.04 6.51
C VAL A 34 3.19 17.37 6.21
N GLY A 35 3.18 16.04 6.09
CA GLY A 35 4.37 15.27 5.81
C GLY A 35 4.22 14.42 4.55
N TRP A 36 5.35 13.89 4.10
CA TRP A 36 5.40 13.06 2.90
C TRP A 36 6.10 11.75 3.23
N VAL A 37 5.45 10.63 2.90
CA VAL A 37 5.99 9.30 3.10
C VAL A 37 5.88 8.54 1.79
N ARG A 38 6.89 7.72 1.49
CA ARG A 38 6.89 6.92 0.28
C ARG A 38 7.25 5.47 0.62
N GLN A 39 6.89 4.56 -0.30
CA GLN A 39 7.24 3.15 -0.17
C GLN A 39 7.62 2.63 -1.54
N ALA A 40 8.90 2.33 -1.73
CA ALA A 40 9.34 1.70 -2.96
C ALA A 40 8.85 0.25 -3.01
N PRO A 41 8.60 -0.28 -4.21
CA PRO A 41 8.12 -1.67 -4.31
C PRO A 41 9.13 -2.64 -3.74
N GLY A 42 8.66 -3.51 -2.86
CA GLY A 42 9.53 -4.47 -2.20
C GLY A 42 10.41 -3.89 -1.10
N LYS A 43 10.11 -2.68 -0.63
CA LYS A 43 10.90 -2.04 0.42
C LYS A 43 9.96 -1.57 1.52
N ALA A 44 10.56 -1.02 2.59
CA ALA A 44 9.79 -0.53 3.72
C ALA A 44 9.38 0.92 3.50
N LEU A 45 8.52 1.40 4.40
CA LEU A 45 8.13 2.80 4.39
C LEU A 45 9.35 3.68 4.64
N GLU A 46 9.40 4.84 3.97
CA GLU A 46 10.53 5.75 4.08
C GLU A 46 10.02 7.16 4.28
N TRP A 47 10.48 7.81 5.35
CA TRP A 47 10.13 9.19 5.62
C TRP A 47 10.87 10.12 4.66
N LEU A 48 10.16 11.13 4.17
CA LEU A 48 10.75 12.16 3.32
C LEU A 48 10.94 13.48 4.05
N GLY A 49 9.86 14.07 4.54
CA GLY A 49 9.97 15.32 5.25
C GLY A 49 8.60 15.87 5.56
N SER A 50 8.59 17.06 6.17
CA SER A 50 7.34 17.69 6.56
C SER A 50 7.54 19.20 6.65
N ILE A 51 6.43 19.93 6.63
CA ILE A 51 6.41 21.35 6.91
C ILE A 51 5.30 21.60 7.92
N ASP A 52 5.63 22.29 9.01
CA ASP A 52 4.73 22.43 10.13
C ASP A 52 3.90 23.70 10.02
N THR A 53 3.14 24.03 11.06
CA THR A 53 2.32 25.22 11.06
C THR A 53 3.17 26.49 11.04
N GLY A 54 4.34 26.45 11.66
CA GLY A 54 5.25 27.58 11.70
C GLY A 54 6.10 27.77 10.45
N GLY A 55 5.81 27.05 9.38
CA GLY A 55 6.57 27.16 8.15
C GLY A 55 7.91 26.46 8.16
N ASN A 56 8.30 25.84 9.28
CA ASN A 56 9.58 25.14 9.35
C ASN A 56 9.50 23.82 8.62
N ALA A 57 10.58 23.48 7.92
CA ALA A 57 10.66 22.26 7.13
C ALA A 57 11.75 21.36 7.70
N GLY A 58 11.40 20.10 7.93
CA GLY A 58 12.38 19.09 8.33
C GLY A 58 12.36 17.94 7.34
N TYR A 59 13.52 17.35 7.12
CA TYR A 59 13.69 16.33 6.09
C TYR A 59 14.42 15.11 6.64
N ASN A 60 14.19 13.98 5.97
CA ASN A 60 15.04 12.82 6.12
C ASN A 60 16.48 13.22 5.83
N PRO A 61 17.41 13.06 6.78
CA PRO A 61 18.78 13.53 6.54
C PRO A 61 19.46 12.84 5.36
N GLY A 62 19.19 11.55 5.16
CA GLY A 62 19.79 10.83 4.06
C GLY A 62 19.37 11.33 2.68
N LEU A 63 18.22 11.99 2.58
CA LEU A 63 17.71 12.49 1.32
C LEU A 63 17.57 14.01 1.29
N LYS A 64 18.08 14.70 2.31
CA LYS A 64 17.80 16.13 2.47
C LYS A 64 18.28 16.95 1.28
N SER A 65 19.40 16.56 0.67
CA SER A 65 19.97 17.36 -0.43
C SER A 65 19.15 17.28 -1.71
N ARG A 66 18.21 16.34 -1.82
CA ARG A 66 17.40 16.19 -3.01
C ARG A 66 15.93 16.50 -2.79
N LEU A 67 15.56 16.95 -1.59
CA LEU A 67 14.15 17.15 -1.23
C LEU A 67 13.86 18.62 -1.02
N SER A 68 12.65 19.02 -1.41
CA SER A 68 12.16 20.37 -1.17
C SER A 68 10.66 20.28 -0.92
N ILE A 69 10.23 20.69 0.27
CA ILE A 69 8.82 20.67 0.64
C ILE A 69 8.42 22.10 0.96
N THR A 70 7.55 22.66 0.13
CA THR A 70 7.00 24.00 0.32
C THR A 70 5.50 23.88 0.51
N GLN A 71 4.86 25.02 0.74
CA GLN A 71 3.42 25.02 0.98
C GLN A 71 2.83 26.36 0.58
N ASP A 72 1.54 26.33 0.25
CA ASP A 72 0.75 27.53 0.00
C ASP A 72 -0.42 27.50 0.97
N ASN A 73 -0.59 28.58 1.73
CA ASN A 73 -1.66 28.67 2.72
C ASN A 73 -2.86 29.45 2.24
N SER A 74 -2.79 30.06 1.05
CA SER A 74 -3.97 30.70 0.48
C SER A 74 -4.87 29.67 -0.19
N LYS A 75 -4.28 28.78 -0.98
CA LYS A 75 -5.00 27.72 -1.67
C LYS A 75 -5.07 26.44 -0.85
N SER A 76 -4.45 26.40 0.32
CA SER A 76 -4.39 25.22 1.18
C SER A 76 -3.80 24.03 0.42
N GLN A 77 -2.49 24.13 0.18
CA GLN A 77 -1.80 23.18 -0.68
C GLN A 77 -0.37 23.00 -0.20
N VAL A 78 0.14 21.77 -0.29
CA VAL A 78 1.50 21.44 0.09
C VAL A 78 2.15 20.70 -1.06
N SER A 79 3.39 21.09 -1.38
CA SER A 79 4.12 20.53 -2.52
C SER A 79 5.34 19.76 -2.07
N LEU A 80 5.77 18.82 -2.90
CA LEU A 80 6.97 18.02 -2.67
C LEU A 80 7.78 17.97 -3.94
N SER A 81 9.09 18.17 -3.82
CA SER A 81 10.00 18.14 -4.96
C SER A 81 11.16 17.20 -4.66
N VAL A 82 11.40 16.26 -5.57
CA VAL A 82 12.55 15.35 -5.49
C VAL A 82 13.37 15.55 -6.76
N SER A 83 14.59 16.05 -6.59
CA SER A 83 15.45 16.39 -7.72
C SER A 83 16.33 15.21 -8.11
N THR A 84 16.73 15.18 -9.38
CA THR A 84 17.64 14.19 -9.95
C THR A 84 17.17 12.77 -9.61
N VAL A 85 15.97 12.45 -10.06
CA VAL A 85 15.36 11.17 -9.71
C VAL A 85 16.06 10.03 -10.44
N THR A 86 16.12 8.89 -9.79
CA THR A 86 16.65 7.66 -10.37
C THR A 86 15.66 6.53 -10.10
N THR A 87 15.91 5.38 -10.72
CA THR A 87 15.00 4.24 -10.60
C THR A 87 14.70 3.89 -9.14
N GLU A 88 15.61 4.24 -8.23
CA GLU A 88 15.35 4.02 -6.81
C GLU A 88 14.21 4.89 -6.29
N ASP A 89 13.85 5.95 -7.01
CA ASP A 89 12.79 6.85 -6.57
C ASP A 89 11.40 6.41 -7.02
N SER A 90 11.30 5.33 -7.80
CA SER A 90 10.00 4.74 -8.09
C SER A 90 9.35 4.25 -6.81
N ALA A 91 8.16 4.79 -6.50
CA ALA A 91 7.51 4.46 -5.25
C ALA A 91 6.08 5.00 -5.27
N THR A 92 5.30 4.56 -4.30
CA THR A 92 4.00 5.15 -3.99
C THR A 92 4.22 6.25 -2.96
N TYR A 93 3.77 7.46 -3.26
CA TYR A 93 4.01 8.62 -2.43
C TYR A 93 2.72 9.00 -1.69
N TYR A 94 2.83 9.11 -0.36
CA TYR A 94 1.68 9.39 0.49
C TYR A 94 1.80 10.79 1.08
N CYS A 95 0.72 11.55 1.00
CA CYS A 95 0.60 12.79 1.75
C CYS A 95 -0.02 12.48 3.11
N THR A 96 0.54 13.09 4.16
CA THR A 96 0.14 12.79 5.53
C THR A 96 0.02 14.08 6.32
N THR A 97 -0.79 14.02 7.38
CA THR A 97 -0.75 14.99 8.46
C THR A 97 -0.05 14.34 9.65
N VAL A 98 0.93 15.03 10.21
CA VAL A 98 1.81 14.44 11.20
C VAL A 98 1.76 15.26 12.49
N HIS A 99 1.99 14.57 13.60
CA HIS A 99 2.18 15.20 14.91
C HIS A 99 3.67 15.29 15.18
N GLN A 100 4.14 16.50 15.49
CA GLN A 100 5.56 16.74 15.73
C GLN A 100 5.71 17.61 16.96
N ARG A 101 6.47 17.13 17.94
CA ARG A 101 6.65 17.86 19.19
C ARG A 101 7.92 17.36 19.87
N THR A 102 8.65 18.27 20.50
CA THR A 102 9.84 17.96 21.27
C THR A 102 9.58 18.31 22.73
N LYS A 103 9.63 17.32 23.60
CA LYS A 103 9.43 17.52 25.02
C LYS A 103 10.78 17.52 25.73
N THR A 104 11.01 18.55 26.54
CA THR A 104 12.21 18.65 27.37
C THR A 104 11.85 18.41 28.82
N THR A 105 12.65 17.59 29.49
CA THR A 105 12.45 17.27 30.90
C THR A 105 13.74 17.56 31.66
N LYS A 106 13.65 18.42 32.67
CA LYS A 106 14.77 18.77 33.53
C LYS A 106 14.68 17.96 34.82
N SER A 107 15.80 17.38 35.24
CA SER A 107 15.77 16.52 36.43
C SER A 107 17.14 16.49 37.07
N CYS A 108 17.15 16.36 38.41
CA CYS A 108 18.37 16.10 39.13
C CYS A 108 18.76 14.63 38.99
N PRO A 109 20.05 14.31 39.02
CA PRO A 109 20.48 12.92 38.89
C PRO A 109 20.01 12.08 40.08
N ASP A 110 20.16 10.76 39.91
CA ASP A 110 19.77 9.82 40.97
C ASP A 110 20.57 10.07 42.23
N GLY A 111 19.86 10.22 43.35
CA GLY A 111 20.52 10.52 44.61
C GLY A 111 20.88 11.97 44.79
N TYR A 112 20.25 12.87 44.05
CA TYR A 112 20.51 14.31 44.16
C TYR A 112 19.19 15.05 44.15
N SER A 113 19.16 16.20 44.82
CA SER A 113 17.94 16.98 44.97
C SER A 113 18.23 18.45 44.69
N ASP A 114 17.16 19.24 44.63
CA ASP A 114 17.25 20.68 44.45
C ASP A 114 17.26 21.43 45.78
N GLY A 115 17.58 20.76 46.88
CA GLY A 115 17.67 21.44 48.17
C GLY A 115 17.34 20.58 49.37
N TYR A 116 16.36 19.69 49.25
CA TYR A 116 15.87 18.95 50.40
C TYR A 116 16.89 17.89 50.84
N ARG A 117 17.14 17.85 52.15
CA ARG A 117 18.05 16.88 52.77
C ARG A 117 19.43 16.92 52.13
N CYS A 118 19.93 18.12 51.87
CA CYS A 118 21.29 18.30 51.38
C CYS A 118 22.26 18.73 52.47
N GLY A 119 21.75 19.21 53.60
CA GLY A 119 22.62 19.58 54.71
C GLY A 119 23.48 20.77 54.34
N TRP A 120 24.79 20.64 54.59
CA TRP A 120 25.73 21.69 54.23
C TRP A 120 25.91 21.81 52.72
N ARG A 121 25.53 20.79 51.96
CA ARG A 121 25.77 20.82 50.52
C ARG A 121 24.80 21.72 49.78
N ARG A 122 23.69 22.13 50.41
CA ARG A 122 22.75 23.01 49.75
C ARG A 122 23.38 24.37 49.46
N SER A 123 24.06 24.94 50.45
CA SER A 123 24.75 26.22 50.25
C SER A 123 25.98 26.07 49.37
N TYR A 124 26.65 24.92 49.44
CA TYR A 124 27.91 24.74 48.73
C TYR A 124 27.69 24.53 47.24
N CYS A 125 26.58 23.91 46.84
CA CYS A 125 26.33 23.60 45.44
C CYS A 125 25.71 24.75 44.65
N GLY A 126 24.94 25.61 45.31
CA GLY A 126 24.38 26.77 44.65
C GLY A 126 23.04 26.51 43.98
N ASP A 127 22.55 27.55 43.30
CA ASP A 127 21.25 27.48 42.66
C ASP A 127 21.29 26.64 41.39
N ARG A 128 22.35 26.78 40.60
CA ARG A 128 22.39 26.17 39.28
C ARG A 128 22.50 24.66 39.31
N ASN A 129 23.01 24.09 40.40
CA ASN A 129 23.29 22.67 40.47
C ASN A 129 22.44 21.99 41.54
N CYS A 130 22.29 20.68 41.39
CA CYS A 130 21.64 19.86 42.40
C CYS A 130 22.67 19.44 43.46
N CYS A 131 22.17 19.02 44.61
CA CYS A 131 23.03 18.65 45.73
C CYS A 131 22.73 17.22 46.17
N ARG A 132 23.73 16.61 46.80
CA ARG A 132 23.63 15.21 47.19
C ARG A 132 22.71 15.03 48.39
N VAL A 133 21.94 13.94 48.38
CA VAL A 133 21.00 13.62 49.45
C VAL A 133 21.61 12.54 50.34
N ASP A 134 21.47 12.71 51.65
CA ASP A 134 21.86 11.68 52.58
C ASP A 134 20.90 10.50 52.51
N GLY A 135 21.45 9.29 52.56
CA GLY A 135 20.65 8.08 52.49
C GLY A 135 21.10 7.14 51.39
N GLY A 143 29.75 12.26 44.12
CA GLY A 143 30.27 13.60 44.30
C GLY A 143 29.45 14.44 45.26
N ASN A 144 29.90 15.67 45.51
CA ASN A 144 29.17 16.56 46.41
C ASN A 144 28.02 17.27 45.70
N CYS A 145 28.22 17.65 44.44
CA CYS A 145 27.21 18.35 43.67
C CYS A 145 27.00 17.64 42.33
N ALA A 146 26.01 18.12 41.59
CA ALA A 146 25.71 17.60 40.27
C ALA A 146 24.83 18.61 39.54
N SER A 147 24.99 18.67 38.21
CA SER A 147 24.23 19.58 37.38
C SER A 147 22.96 18.91 36.89
N TYR A 148 22.01 19.74 36.45
CA TYR A 148 20.73 19.23 35.97
C TYR A 148 20.93 18.42 34.69
N SER A 149 20.19 17.32 34.57
CA SER A 149 20.16 16.51 33.37
C SER A 149 18.93 16.87 32.55
N TYR A 150 19.08 16.86 31.23
CA TYR A 150 18.01 17.24 30.32
C TYR A 150 17.73 16.09 29.37
N THR A 151 16.50 15.56 29.42
CA THR A 151 16.05 14.48 28.57
C THR A 151 15.09 15.02 27.53
N TYR A 152 15.34 14.69 26.26
CA TYR A 152 14.52 15.15 25.16
C TYR A 152 13.75 13.98 24.57
N THR A 153 12.44 14.16 24.40
CA THR A 153 11.58 13.16 23.78
C THR A 153 11.03 13.75 22.48
N TYR A 154 11.44 13.17 21.36
CA TYR A 154 11.00 13.63 20.04
C TYR A 154 9.74 12.85 19.66
N GLU A 155 8.60 13.53 19.70
CA GLU A 155 7.31 12.89 19.42
C GLU A 155 6.97 13.04 17.94
N TRP A 156 6.73 11.91 17.28
CA TRP A 156 6.37 11.92 15.87
C TRP A 156 5.44 10.74 15.59
N TYR A 157 4.38 11.00 14.83
CA TYR A 157 3.55 9.96 14.26
C TYR A 157 2.63 10.59 13.23
N VAL A 158 2.10 9.76 12.34
CA VAL A 158 1.22 10.20 11.28
C VAL A 158 -0.22 10.12 11.76
N ASP A 159 -0.94 11.25 11.67
CA ASP A 159 -2.33 11.29 12.09
C ASP A 159 -3.25 10.72 11.00
N ALA A 160 -3.13 11.24 9.78
CA ALA A 160 -3.97 10.81 8.66
C ALA A 160 -3.11 10.48 7.47
N TRP A 161 -3.57 9.52 6.67
CA TRP A 161 -2.86 9.05 5.50
C TRP A 161 -3.68 9.30 4.25
N GLY A 162 -3.01 9.77 3.19
CA GLY A 162 -3.62 9.78 1.89
C GLY A 162 -3.63 8.38 1.29
N GLN A 163 -4.32 8.25 0.16
CA GLN A 163 -4.39 6.96 -0.50
C GLN A 163 -3.11 6.60 -1.25
N GLY A 164 -2.27 7.59 -1.55
CA GLY A 164 -1.01 7.33 -2.21
C GLY A 164 -1.08 7.51 -3.72
N LEU A 165 0.00 8.03 -4.31
CA LEU A 165 0.09 8.23 -5.75
C LEU A 165 1.31 7.46 -6.25
N LEU A 166 1.07 6.51 -7.15
CA LEU A 166 2.16 5.71 -7.70
C LEU A 166 2.94 6.52 -8.72
N VAL A 167 4.25 6.62 -8.52
CA VAL A 167 5.15 7.35 -9.42
C VAL A 167 6.22 6.38 -9.89
N THR A 168 6.29 6.17 -11.19
CA THR A 168 7.34 5.36 -11.81
C THR A 168 8.33 6.28 -12.50
N VAL A 169 9.61 6.12 -12.18
CA VAL A 169 10.69 6.82 -12.87
C VAL A 169 11.34 5.83 -13.85
N SER A 170 11.37 6.21 -15.12
CA SER A 170 11.83 5.31 -16.18
C SER A 170 12.02 6.12 -17.46
N SER A 171 12.97 5.68 -18.28
CA SER A 171 13.20 6.29 -19.58
C SER A 171 12.39 5.64 -20.69
N ALA A 172 11.64 4.58 -20.39
CA ALA A 172 10.86 3.88 -21.39
C ALA A 172 9.65 4.72 -21.81
N SER A 173 9.13 4.41 -22.98
CA SER A 173 8.03 5.16 -23.56
C SER A 173 6.71 4.74 -22.91
N THR A 174 5.68 5.54 -23.15
CA THR A 174 4.33 5.22 -22.67
C THR A 174 3.51 4.65 -23.81
N THR A 175 2.78 3.58 -23.52
CA THR A 175 1.87 2.95 -24.48
C THR A 175 0.46 3.02 -23.91
N ALA A 176 -0.44 3.64 -24.67
CA ALA A 176 -1.81 3.74 -24.24
C ALA A 176 -2.51 2.38 -24.38
N PRO A 177 -3.48 2.09 -23.52
CA PRO A 177 -4.16 0.79 -23.61
C PRO A 177 -5.28 0.79 -24.63
N LYS A 178 -5.59 -0.41 -25.12
CA LYS A 178 -6.78 -0.64 -25.93
C LYS A 178 -7.81 -1.32 -25.05
N VAL A 179 -8.99 -0.70 -24.94
CA VAL A 179 -10.05 -1.16 -24.05
C VAL A 179 -11.05 -1.95 -24.87
N TYR A 180 -11.30 -3.21 -24.48
CA TYR A 180 -12.22 -4.08 -25.18
C TYR A 180 -13.33 -4.54 -24.24
N PRO A 181 -14.57 -4.61 -24.71
CA PRO A 181 -15.66 -5.10 -23.87
C PRO A 181 -15.62 -6.61 -23.74
N LEU A 182 -16.05 -7.09 -22.58
CA LEU A 182 -16.06 -8.52 -22.26
C LEU A 182 -17.48 -8.94 -21.93
N SER A 183 -17.91 -10.08 -22.50
CA SER A 183 -19.22 -10.63 -22.24
C SER A 183 -19.20 -12.11 -22.56
N SER A 184 -20.11 -12.85 -21.92
CA SER A 184 -20.21 -14.28 -22.15
C SER A 184 -20.64 -14.57 -23.59
N CYS A 185 -20.48 -15.82 -23.99
CA CYS A 185 -20.81 -16.23 -25.35
C CYS A 185 -22.31 -16.47 -25.51
N CYS A 186 -22.75 -16.58 -26.76
CA CYS A 186 -24.13 -16.89 -27.06
C CYS A 186 -24.43 -18.33 -26.65
N GLY A 187 -25.21 -18.49 -25.59
CA GLY A 187 -25.52 -19.81 -25.08
C GLY A 187 -24.90 -20.09 -23.72
N SER A 190 -30.13 -18.44 -20.31
CA SER A 190 -28.90 -18.96 -19.73
C SER A 190 -28.75 -18.52 -18.28
N SER A 191 -27.55 -18.11 -17.90
CA SER A 191 -27.27 -17.76 -16.51
C SER A 191 -28.16 -16.61 -16.04
N SER A 192 -28.60 -16.70 -14.79
CA SER A 192 -29.51 -15.69 -14.25
C SER A 192 -28.80 -14.36 -14.02
N THR A 193 -27.56 -14.39 -13.56
CA THR A 193 -26.77 -13.18 -13.31
C THR A 193 -25.77 -13.01 -14.43
N VAL A 194 -25.98 -12.00 -15.27
CA VAL A 194 -25.10 -11.73 -16.39
C VAL A 194 -23.78 -11.16 -15.88
N THR A 195 -22.67 -11.68 -16.41
CA THR A 195 -21.33 -11.23 -16.06
C THR A 195 -20.71 -10.54 -17.26
N LEU A 196 -20.36 -9.27 -17.11
CA LEU A 196 -19.72 -8.48 -18.15
C LEU A 196 -18.33 -8.06 -17.66
N GLY A 197 -17.59 -7.40 -18.55
CA GLY A 197 -16.25 -7.01 -18.17
C GLY A 197 -15.64 -6.05 -19.17
N CYS A 198 -14.41 -5.63 -18.86
CA CYS A 198 -13.62 -4.75 -19.71
C CYS A 198 -12.17 -5.19 -19.64
N LEU A 199 -11.54 -5.31 -20.81
CA LEU A 199 -10.13 -5.70 -20.90
C LEU A 199 -9.30 -4.47 -21.25
N VAL A 200 -8.36 -4.13 -20.36
CA VAL A 200 -7.45 -3.00 -20.55
C VAL A 200 -6.13 -3.59 -21.01
N SER A 201 -5.91 -3.59 -22.33
CA SER A 201 -4.87 -4.40 -22.95
C SER A 201 -3.67 -3.56 -23.36
N SER A 202 -2.47 -4.05 -23.03
CA SER A 202 -1.20 -3.59 -23.59
C SER A 202 -0.97 -2.09 -23.32
N TYR A 203 -0.65 -1.80 -22.06
CA TYR A 203 -0.33 -0.45 -21.65
C TYR A 203 0.91 -0.45 -20.78
N MET A 204 1.62 0.69 -20.79
CA MET A 204 2.73 0.89 -19.88
C MET A 204 2.95 2.39 -19.74
N PRO A 205 3.30 2.88 -18.55
CA PRO A 205 3.43 2.09 -17.34
C PRO A 205 2.15 2.09 -16.49
N GLU A 206 2.22 1.46 -15.32
CA GLU A 206 1.15 1.54 -14.36
C GLU A 206 1.02 2.97 -13.85
N PRO A 207 -0.13 3.35 -13.26
CA PRO A 207 -1.33 2.56 -13.00
C PRO A 207 -2.47 2.84 -13.97
N VAL A 208 -3.55 2.09 -13.79
CA VAL A 208 -4.80 2.25 -14.52
C VAL A 208 -5.95 2.16 -13.53
N THR A 209 -6.90 3.07 -13.64
CA THR A 209 -8.10 3.06 -12.80
C THR A 209 -9.31 2.67 -13.63
N VAL A 210 -10.21 1.90 -13.04
CA VAL A 210 -11.43 1.44 -13.70
C VAL A 210 -12.61 1.65 -12.76
N THR A 211 -13.63 2.34 -13.26
CA THR A 211 -14.92 2.46 -12.59
C THR A 211 -16.01 2.02 -13.57
N TRP A 212 -17.23 1.92 -13.06
CA TRP A 212 -18.37 1.46 -13.87
C TRP A 212 -19.52 2.43 -13.73
N ASN A 213 -20.06 2.85 -14.87
CA ASN A 213 -21.19 3.78 -14.93
C ASN A 213 -20.89 5.07 -14.19
N SER A 214 -19.70 5.61 -14.45
CA SER A 214 -19.24 6.86 -13.82
C SER A 214 -19.26 6.76 -12.30
N GLY A 215 -18.85 5.62 -11.78
CA GLY A 215 -18.81 5.39 -10.34
C GLY A 215 -20.13 5.06 -9.69
N ALA A 216 -21.23 5.08 -10.43
CA ALA A 216 -22.53 4.78 -9.85
C ALA A 216 -22.72 3.30 -9.58
N LEU A 217 -21.91 2.44 -10.19
CA LEU A 217 -22.02 0.99 -10.03
C LEU A 217 -20.78 0.49 -9.30
N LYS A 218 -20.96 0.05 -8.05
CA LYS A 218 -19.89 -0.50 -7.25
C LYS A 218 -20.16 -1.91 -6.75
N SER A 219 -21.41 -2.26 -6.49
CA SER A 219 -21.74 -3.60 -6.02
C SER A 219 -21.56 -4.62 -7.15
N GLY A 220 -20.79 -5.67 -6.87
CA GLY A 220 -20.54 -6.70 -7.84
C GLY A 220 -19.36 -6.45 -8.75
N VAL A 221 -18.58 -5.41 -8.50
CA VAL A 221 -17.43 -5.07 -9.34
C VAL A 221 -16.18 -5.72 -8.77
N HIS A 222 -15.37 -6.31 -9.64
CA HIS A 222 -14.11 -6.94 -9.24
C HIS A 222 -13.06 -6.58 -10.29
N THR A 223 -12.20 -5.62 -9.95
CA THR A 223 -11.10 -5.20 -10.81
C THR A 223 -9.84 -5.94 -10.37
N PHE A 224 -9.15 -6.57 -11.33
CA PHE A 224 -8.03 -7.45 -11.02
C PHE A 224 -6.71 -6.72 -11.21
N PRO A 225 -5.69 -7.11 -10.43
CA PRO A 225 -4.34 -6.58 -10.67
C PRO A 225 -3.82 -6.96 -12.05
N ALA A 226 -2.89 -6.16 -12.55
CA ALA A 226 -2.44 -6.29 -13.92
C ALA A 226 -1.46 -7.45 -14.08
N VAL A 227 -1.41 -8.00 -15.29
CA VAL A 227 -0.43 -8.99 -15.69
C VAL A 227 0.68 -8.27 -16.46
N LEU A 228 1.90 -8.76 -16.33
CA LEU A 228 3.05 -8.18 -17.01
C LEU A 228 3.55 -9.18 -18.05
N GLN A 229 3.37 -8.84 -19.32
CA GLN A 229 3.94 -9.63 -20.39
C GLN A 229 5.44 -9.36 -20.50
N SER A 230 6.12 -10.26 -21.22
CA SER A 230 7.56 -10.13 -21.46
C SER A 230 7.90 -8.93 -22.33
N SER A 231 6.93 -8.40 -23.09
CA SER A 231 7.15 -7.20 -23.88
C SER A 231 7.22 -5.96 -23.02
N GLY A 232 6.90 -6.06 -21.73
CA GLY A 232 6.87 -4.92 -20.84
C GLY A 232 5.53 -4.23 -20.73
N LEU A 233 4.56 -4.61 -21.56
CA LEU A 233 3.24 -4.00 -21.52
C LEU A 233 2.35 -4.74 -20.53
N TYR A 234 1.49 -3.98 -19.86
CA TYR A 234 0.59 -4.52 -18.84
C TYR A 234 -0.80 -4.74 -19.41
N SER A 235 -1.57 -5.59 -18.72
CA SER A 235 -2.96 -5.81 -19.06
C SER A 235 -3.71 -6.19 -17.79
N LEU A 236 -4.85 -5.54 -17.55
CA LEU A 236 -5.74 -5.87 -16.46
C LEU A 236 -7.17 -5.99 -16.99
N SER A 237 -8.02 -6.61 -16.17
CA SER A 237 -9.43 -6.76 -16.51
C SER A 237 -10.27 -6.45 -15.29
N SER A 238 -11.49 -5.97 -15.53
CA SER A 238 -12.47 -5.70 -14.49
C SER A 238 -13.81 -6.30 -14.91
N MET A 239 -14.41 -7.08 -14.02
CA MET A 239 -15.66 -7.75 -14.31
C MET A 239 -16.75 -7.30 -13.33
N VAL A 240 -17.99 -7.31 -13.79
CA VAL A 240 -19.14 -6.98 -12.97
C VAL A 240 -20.17 -8.11 -13.11
N THR A 241 -20.84 -8.43 -12.01
CA THR A 241 -21.93 -9.41 -12.00
C THR A 241 -23.21 -8.70 -11.64
N VAL A 242 -24.18 -8.75 -12.54
CA VAL A 242 -25.47 -8.09 -12.37
C VAL A 242 -26.56 -9.16 -12.42
N PRO A 243 -27.39 -9.30 -11.37
CA PRO A 243 -28.46 -10.31 -11.33
C PRO A 243 -29.54 -10.06 -12.39
N GLN A 249 -31.08 -1.49 -18.44
CA GLN A 249 -29.75 -1.52 -17.84
C GLN A 249 -28.66 -1.27 -18.89
N THR A 250 -27.77 -0.33 -18.58
CA THR A 250 -26.62 -0.02 -19.43
C THR A 250 -25.36 -0.05 -18.59
N PHE A 251 -24.29 -0.59 -19.17
CA PHE A 251 -23.03 -0.78 -18.44
C PHE A 251 -21.90 -0.17 -19.24
N THR A 252 -21.16 0.75 -18.63
CA THR A 252 -20.03 1.41 -19.26
C THR A 252 -18.88 1.45 -18.27
N CYS A 253 -17.72 0.92 -18.67
CA CYS A 253 -16.54 0.96 -17.84
C CYS A 253 -15.71 2.19 -18.18
N ASN A 254 -15.24 2.88 -17.15
CA ASN A 254 -14.48 4.12 -17.30
C ASN A 254 -13.02 3.82 -16.98
N VAL A 255 -12.19 3.79 -18.01
CA VAL A 255 -10.77 3.45 -17.90
C VAL A 255 -9.96 4.73 -18.03
N ALA A 256 -9.00 4.92 -17.14
CA ALA A 256 -8.13 6.08 -17.14
C ALA A 256 -6.68 5.62 -16.99
N HIS A 257 -5.84 6.02 -17.93
CA HIS A 257 -4.39 5.76 -17.89
C HIS A 257 -3.69 7.12 -17.83
N PRO A 258 -3.34 7.59 -16.63
CA PRO A 258 -2.81 8.97 -16.52
C PRO A 258 -1.48 9.17 -17.22
N ALA A 259 -0.65 8.13 -17.32
CA ALA A 259 0.68 8.30 -17.89
C ALA A 259 0.60 8.73 -19.35
N SER A 260 -0.38 8.25 -20.09
CA SER A 260 -0.55 8.63 -21.49
C SER A 260 -1.69 9.62 -21.70
N SER A 261 -2.27 10.15 -20.62
CA SER A 261 -3.38 11.10 -20.69
C SER A 261 -4.55 10.52 -21.49
N THR A 262 -4.76 9.21 -21.35
CA THR A 262 -5.81 8.50 -22.06
C THR A 262 -6.97 8.21 -21.13
N LYS A 263 -8.19 8.41 -21.64
CA LYS A 263 -9.40 8.15 -20.89
C LYS A 263 -10.44 7.60 -21.85
N VAL A 264 -10.87 6.36 -21.63
CA VAL A 264 -11.79 5.67 -22.52
C VAL A 264 -13.00 5.20 -21.70
N ASP A 265 -14.19 5.56 -22.16
CA ASP A 265 -15.45 5.08 -21.59
C ASP A 265 -16.02 4.07 -22.58
N LYS A 266 -15.87 2.80 -22.28
CA LYS A 266 -16.23 1.73 -23.20
C LYS A 266 -17.60 1.17 -22.85
N ALA A 267 -18.53 1.26 -23.80
CA ALA A 267 -19.85 0.68 -23.62
C ALA A 267 -19.78 -0.83 -23.75
N VAL A 268 -20.42 -1.55 -22.83
CA VAL A 268 -20.42 -3.00 -22.81
C VAL A 268 -21.85 -3.48 -22.99
N GLU A 269 -22.10 -4.22 -24.07
CA GLU A 269 -23.41 -4.76 -24.38
C GLU A 269 -23.33 -6.27 -24.48
N PRO A 270 -24.20 -7.02 -23.78
CA PRO A 270 -24.22 -8.49 -23.79
C PRO A 270 -24.41 -9.07 -25.18
N ALA B 2 20.00 3.88 8.90
CA ALA B 2 19.58 3.15 10.09
C ALA B 2 18.07 2.92 10.08
N VAL B 3 17.67 1.65 10.09
CA VAL B 3 16.26 1.26 10.12
C VAL B 3 16.04 0.33 11.31
N LEU B 4 14.79 0.26 11.75
CA LEU B 4 14.42 -0.57 12.89
C LEU B 4 14.21 -2.02 12.47
N ASN B 5 14.62 -2.94 13.32
CA ASN B 5 14.62 -4.36 13.00
C ASN B 5 13.30 -5.01 13.43
N GLN B 6 12.56 -5.53 12.46
CA GLN B 6 11.37 -6.33 12.68
C GLN B 6 11.55 -7.71 12.04
N PRO B 7 10.88 -8.73 12.55
CA PRO B 7 10.84 -10.01 11.83
C PRO B 7 10.10 -9.85 10.51
N SER B 8 10.59 -10.53 9.48
CA SER B 8 10.00 -10.40 8.16
C SER B 8 8.58 -10.96 8.10
N SER B 9 8.29 -11.99 8.90
CA SER B 9 6.96 -12.59 8.89
C SER B 9 6.70 -13.27 10.22
N VAL B 10 5.46 -13.13 10.71
CA VAL B 10 4.97 -13.86 11.87
C VAL B 10 3.61 -14.45 11.49
N SER B 11 3.15 -15.40 12.31
CA SER B 11 1.88 -16.03 12.04
C SER B 11 1.22 -16.44 13.35
N GLY B 12 -0.11 -16.32 13.40
CA GLY B 12 -0.89 -16.78 14.52
C GLY B 12 -2.18 -17.42 14.03
N SER B 13 -2.87 -18.07 14.95
CA SER B 13 -4.13 -18.74 14.65
C SER B 13 -5.31 -17.85 15.01
N LEU B 14 -6.45 -18.14 14.37
CA LEU B 14 -7.67 -17.38 14.62
C LEU B 14 -8.02 -17.42 16.10
N GLY B 15 -8.38 -16.26 16.64
CA GLY B 15 -8.75 -16.13 18.04
C GLY B 15 -7.59 -16.09 19.01
N GLN B 16 -6.37 -16.32 18.55
CA GLN B 16 -5.21 -16.32 19.41
C GLN B 16 -4.53 -14.95 19.35
N ARG B 17 -3.32 -14.85 19.90
CA ARG B 17 -2.58 -13.60 19.92
C ARG B 17 -1.18 -13.81 19.37
N VAL B 18 -0.62 -12.73 18.83
CA VAL B 18 0.71 -12.75 18.23
C VAL B 18 1.43 -11.46 18.64
N SER B 19 2.76 -11.52 18.64
CA SER B 19 3.60 -10.38 19.02
C SER B 19 4.57 -10.07 17.90
N ILE B 20 4.76 -8.77 17.64
CA ILE B 20 5.69 -8.29 16.63
C ILE B 20 6.69 -7.38 17.33
N THR B 21 7.97 -7.71 17.24
CA THR B 21 9.00 -6.95 17.92
C THR B 21 9.59 -5.88 16.99
N CYS B 22 10.13 -4.84 17.61
CA CYS B 22 10.72 -3.69 16.89
C CYS B 22 11.94 -3.25 17.67
N SER B 23 13.12 -3.70 17.23
CA SER B 23 14.36 -3.46 17.94
C SER B 23 15.14 -2.33 17.29
N GLY B 24 15.56 -1.36 18.11
CA GLY B 24 16.38 -0.27 17.64
C GLY B 24 17.45 0.09 18.66
N SER B 25 17.97 1.31 18.56
CA SER B 25 18.98 1.79 19.50
C SER B 25 18.32 2.72 20.53
N SER B 26 19.14 3.24 21.44
CA SER B 26 18.66 4.21 22.40
C SER B 26 18.30 5.55 21.76
N SER B 27 18.71 5.77 20.50
CA SER B 27 18.44 7.04 19.84
C SER B 27 17.05 7.10 19.26
N ASN B 28 16.49 5.96 18.84
CA ASN B 28 15.16 5.92 18.23
C ASN B 28 14.16 5.23 19.15
N VAL B 29 14.23 3.90 19.27
CA VAL B 29 13.23 3.19 20.08
C VAL B 29 13.37 3.56 21.55
N GLY B 30 14.61 3.64 22.03
CA GLY B 30 14.87 4.05 23.41
C GLY B 30 14.41 5.45 23.74
N ASN B 31 14.12 6.28 22.72
CA ASN B 31 13.61 7.63 22.97
C ASN B 31 12.24 7.62 23.64
N GLY B 32 11.50 6.53 23.53
CA GLY B 32 10.26 6.37 24.27
C GLY B 32 9.02 6.94 23.59
N TYR B 33 8.94 6.90 22.26
CA TYR B 33 7.76 7.39 21.55
C TYR B 33 7.66 6.63 20.22
N VAL B 34 7.16 5.40 20.31
CA VAL B 34 7.07 4.48 19.18
C VAL B 34 5.65 4.52 18.62
N SER B 35 5.54 4.43 17.30
CA SER B 35 4.24 4.35 16.63
C SER B 35 4.18 3.09 15.77
N TRP B 36 2.96 2.63 15.51
CA TRP B 36 2.73 1.42 14.74
C TRP B 36 1.70 1.70 13.65
N TYR B 37 1.90 1.08 12.48
CA TYR B 37 1.06 1.34 11.32
C TYR B 37 0.70 0.02 10.64
N GLN B 38 -0.52 -0.03 10.10
CA GLN B 38 -1.07 -1.22 9.47
C GLN B 38 -1.33 -0.93 8.00
N LEU B 39 -0.75 -1.73 7.12
CA LEU B 39 -0.87 -1.56 5.67
C LEU B 39 -1.56 -2.78 5.08
N ILE B 40 -2.76 -2.58 4.57
CA ILE B 40 -3.53 -3.62 3.87
C ILE B 40 -3.53 -3.28 2.39
N PRO B 41 -3.23 -4.23 1.50
CA PRO B 41 -3.14 -3.92 0.07
C PRO B 41 -4.44 -3.30 -0.45
N GLY B 42 -4.28 -2.25 -1.25
CA GLY B 42 -5.41 -1.50 -1.78
C GLY B 42 -5.84 -0.33 -0.90
N SER B 43 -5.95 -0.57 0.40
CA SER B 43 -6.35 0.48 1.33
C SER B 43 -5.16 1.34 1.71
N ALA B 44 -5.46 2.53 2.21
CA ALA B 44 -4.42 3.43 2.67
C ALA B 44 -3.81 2.93 3.97
N PRO B 45 -2.58 3.32 4.28
CA PRO B 45 -1.99 2.96 5.57
C PRO B 45 -2.81 3.50 6.73
N ARG B 46 -2.84 2.73 7.81
CA ARG B 46 -3.66 3.03 8.97
C ARG B 46 -2.78 3.13 10.21
N THR B 47 -2.90 4.24 10.93
CA THR B 47 -2.15 4.44 12.16
C THR B 47 -2.82 3.65 13.28
N LEU B 48 -2.06 2.78 13.93
CA LEU B 48 -2.57 1.95 15.02
C LEU B 48 -2.22 2.52 16.38
N ILE B 49 -0.93 2.73 16.64
CA ILE B 49 -0.44 3.11 17.95
C ILE B 49 0.46 4.33 17.80
N TYR B 50 0.45 5.19 18.82
CA TYR B 50 1.39 6.28 18.94
C TYR B 50 1.76 6.45 20.40
N GLY B 51 2.93 7.04 20.65
CA GLY B 51 3.41 7.22 22.00
C GLY B 51 3.49 5.91 22.76
N ASP B 52 4.09 4.90 22.12
CA ASP B 52 4.29 3.56 22.70
C ASP B 52 2.98 2.80 22.89
N THR B 53 2.01 3.41 23.57
CA THR B 53 0.84 2.68 24.03
C THR B 53 -0.52 3.26 23.63
N SER B 54 -0.57 4.48 23.13
CA SER B 54 -1.86 5.11 22.84
C SER B 54 -2.44 4.57 21.54
N ARG B 55 -3.72 4.24 21.56
CA ARG B 55 -4.42 3.76 20.37
C ARG B 55 -5.01 4.94 19.59
N ALA B 56 -4.89 4.87 18.27
CA ALA B 56 -5.48 5.88 17.41
C ALA B 56 -7.01 5.72 17.40
N SER B 57 -7.67 6.69 16.77
CA SER B 57 -9.13 6.70 16.73
C SER B 57 -9.65 5.51 15.94
N GLY B 58 -10.58 4.76 16.54
CA GLY B 58 -11.16 3.60 15.91
C GLY B 58 -10.34 2.33 15.99
N VAL B 59 -9.18 2.36 16.63
CA VAL B 59 -8.34 1.18 16.76
C VAL B 59 -8.82 0.37 17.95
N PRO B 60 -9.29 -0.87 17.74
CA PRO B 60 -9.77 -1.67 18.88
C PRO B 60 -8.65 -2.01 19.85
N ASP B 61 -9.05 -2.38 21.06
CA ASP B 61 -8.09 -2.72 22.10
C ASP B 61 -7.35 -4.03 21.83
N ARG B 62 -7.74 -4.77 20.78
CA ARG B 62 -6.99 -5.96 20.40
C ARG B 62 -5.55 -5.62 20.04
N PHE B 63 -5.31 -4.41 19.54
CA PHE B 63 -3.97 -3.94 19.24
C PHE B 63 -3.42 -3.22 20.46
N SER B 64 -2.31 -3.71 21.00
CA SER B 64 -1.70 -3.17 22.20
C SER B 64 -0.22 -2.99 21.98
N GLY B 65 0.27 -1.77 22.18
CA GLY B 65 1.68 -1.46 22.06
C GLY B 65 2.35 -1.38 23.42
N SER B 66 3.63 -1.76 23.45
CA SER B 66 4.43 -1.70 24.65
C SER B 66 5.89 -1.57 24.27
N ARG B 67 6.73 -1.23 25.24
CA ARG B 67 8.14 -1.04 24.99
C ARG B 67 8.93 -1.31 26.26
N SER B 68 10.07 -1.99 26.11
CA SER B 68 11.01 -2.22 27.20
C SER B 68 12.40 -1.83 26.69
N GLY B 69 12.83 -0.61 27.01
CA GLY B 69 14.12 -0.13 26.56
C GLY B 69 14.19 0.14 25.07
N ASN B 70 15.06 -0.59 24.38
CA ASN B 70 15.29 -0.39 22.94
C ASN B 70 14.48 -1.35 22.08
N THR B 71 13.46 -2.00 22.65
CA THR B 71 12.63 -2.95 21.91
C THR B 71 11.17 -2.65 22.18
N ALA B 72 10.43 -2.32 21.12
CA ALA B 72 9.00 -2.12 21.19
C ALA B 72 8.28 -3.36 20.67
N THR B 73 7.05 -3.56 21.14
CA THR B 73 6.28 -4.74 20.78
C THR B 73 4.85 -4.36 20.48
N LEU B 74 4.32 -4.87 19.36
CA LEU B 74 2.91 -4.76 19.01
C LEU B 74 2.27 -6.12 19.21
N THR B 75 1.26 -6.18 20.09
CA THR B 75 0.55 -7.41 20.40
C THR B 75 -0.87 -7.32 19.88
N ILE B 76 -1.28 -8.31 19.11
CA ILE B 76 -2.61 -8.35 18.50
C ILE B 76 -3.34 -9.57 19.05
N SER B 77 -4.42 -9.33 19.78
CA SER B 77 -5.20 -10.38 20.41
C SER B 77 -6.48 -10.64 19.62
N SER B 78 -7.07 -11.81 19.86
CA SER B 78 -8.28 -12.26 19.18
C SER B 78 -8.14 -12.10 17.66
N LEU B 79 -7.11 -12.75 17.13
CA LEU B 79 -6.75 -12.58 15.73
C LEU B 79 -7.92 -12.92 14.81
N GLN B 80 -8.10 -12.08 13.79
CA GLN B 80 -9.12 -12.29 12.77
C GLN B 80 -8.45 -12.21 11.40
N ALA B 81 -9.18 -12.68 10.38
CA ALA B 81 -8.64 -12.68 9.04
C ALA B 81 -8.34 -11.26 8.56
N GLU B 82 -9.10 -10.28 9.03
CA GLU B 82 -8.90 -8.89 8.63
C GLU B 82 -7.61 -8.31 9.16
N ASP B 83 -6.98 -8.96 10.15
CA ASP B 83 -5.73 -8.48 10.71
C ASP B 83 -4.52 -8.82 9.83
N GLU B 84 -4.70 -9.68 8.83
CA GLU B 84 -3.60 -9.99 7.92
C GLU B 84 -3.20 -8.73 7.16
N ALA B 85 -1.96 -8.30 7.35
CA ALA B 85 -1.46 -7.06 6.77
C ALA B 85 0.04 -6.99 6.99
N ASP B 86 0.64 -5.90 6.52
CA ASP B 86 2.03 -5.56 6.82
C ASP B 86 2.05 -4.53 7.93
N TYR B 87 2.80 -4.80 8.99
CA TYR B 87 2.85 -3.95 10.16
C TYR B 87 4.23 -3.30 10.27
N PHE B 88 4.26 -1.98 10.43
CA PHE B 88 5.49 -1.21 10.51
C PHE B 88 5.52 -0.45 11.83
N CYS B 89 6.66 -0.51 12.52
CA CYS B 89 6.91 0.38 13.63
C CYS B 89 7.67 1.61 13.14
N ALA B 90 7.69 2.65 13.97
CA ALA B 90 8.37 3.88 13.60
C ALA B 90 8.71 4.67 14.86
N SER B 91 9.70 5.55 14.73
CA SER B 91 10.13 6.40 15.83
C SER B 91 10.93 7.57 15.27
N ALA B 92 10.80 8.71 15.94
CA ALA B 92 11.68 9.84 15.64
C ALA B 92 13.08 9.56 16.15
N GLU B 93 14.06 10.26 15.59
CA GLU B 93 15.44 10.11 16.01
C GLU B 93 16.16 11.44 15.85
N ASP B 94 16.69 11.96 16.97
CA ASP B 94 17.47 13.19 17.00
C ASP B 94 16.63 14.44 16.74
N SER B 95 15.43 14.27 16.18
CA SER B 95 14.58 15.40 15.86
C SER B 95 13.15 14.90 15.65
N SER B 96 12.19 15.78 15.94
CA SER B 96 10.79 15.47 15.72
C SER B 96 10.43 15.39 14.24
N SER B 97 11.31 15.86 13.36
CA SER B 97 11.09 15.80 11.92
C SER B 97 11.90 14.71 11.23
N ASN B 98 12.61 13.89 11.99
CA ASN B 98 13.42 12.80 11.44
C ASN B 98 12.83 11.47 11.93
N ALA B 99 12.01 10.85 11.10
CA ALA B 99 11.35 9.59 11.42
C ALA B 99 12.03 8.44 10.71
N VAL B 100 12.20 7.32 11.41
CA VAL B 100 12.74 6.09 10.84
C VAL B 100 11.70 5.00 10.99
N PHE B 101 11.59 4.16 9.96
CA PHE B 101 10.61 3.08 9.93
C PHE B 101 11.29 1.73 10.14
N GLY B 102 10.50 0.78 10.63
CA GLY B 102 10.97 -0.58 10.74
C GLY B 102 10.99 -1.30 9.41
N SER B 103 11.58 -2.49 9.41
CA SER B 103 11.70 -3.25 8.18
C SER B 103 10.36 -3.79 7.68
N GLY B 104 9.38 -3.95 8.57
CA GLY B 104 8.07 -4.42 8.16
C GLY B 104 7.82 -5.89 8.41
N THR B 105 6.67 -6.22 8.98
CA THR B 105 6.30 -7.59 9.31
C THR B 105 4.98 -7.95 8.64
N THR B 106 4.98 -9.04 7.87
CA THR B 106 3.78 -9.55 7.25
C THR B 106 3.12 -10.58 8.16
N LEU B 107 1.85 -10.36 8.48
CA LEU B 107 1.12 -11.23 9.40
C LEU B 107 0.22 -12.17 8.64
N THR B 108 0.33 -13.46 8.95
CA THR B 108 -0.54 -14.50 8.39
C THR B 108 -1.38 -15.08 9.51
N VAL B 109 -2.70 -15.13 9.30
CA VAL B 109 -3.63 -15.68 10.28
C VAL B 109 -4.00 -17.08 9.84
N LEU B 110 -3.59 -18.08 10.63
CA LEU B 110 -3.82 -19.47 10.29
C LEU B 110 -5.20 -19.93 10.77
N GLY B 111 -5.66 -21.03 10.18
CA GLY B 111 -6.94 -21.61 10.55
C GLY B 111 -8.13 -21.13 9.76
N GLN B 112 -7.93 -20.34 8.72
CA GLN B 112 -9.04 -19.83 7.95
C GLN B 112 -9.65 -20.94 7.09
N PRO B 113 -10.95 -20.86 6.80
CA PRO B 113 -11.58 -21.92 6.00
C PRO B 113 -11.11 -21.85 4.55
N LYS B 114 -10.81 -23.03 3.99
CA LYS B 114 -10.40 -23.10 2.59
C LYS B 114 -11.59 -22.79 1.69
N SER B 115 -11.33 -22.10 0.59
CA SER B 115 -12.38 -21.66 -0.32
C SER B 115 -11.98 -21.99 -1.76
N PRO B 116 -12.85 -22.63 -2.52
CA PRO B 116 -12.52 -22.94 -3.91
C PRO B 116 -12.56 -21.68 -4.77
N PRO B 117 -11.87 -21.69 -5.90
CA PRO B 117 -11.87 -20.50 -6.76
C PRO B 117 -13.12 -20.44 -7.64
N SER B 118 -13.60 -19.22 -7.83
CA SER B 118 -14.62 -18.95 -8.85
C SER B 118 -13.92 -18.52 -10.12
N VAL B 119 -14.30 -19.13 -11.25
CA VAL B 119 -13.60 -18.96 -12.51
C VAL B 119 -14.57 -18.40 -13.54
N THR B 120 -14.15 -17.35 -14.23
CA THR B 120 -14.87 -16.79 -15.37
C THR B 120 -13.91 -16.71 -16.55
N LEU B 121 -14.33 -17.27 -17.69
CA LEU B 121 -13.51 -17.27 -18.90
C LEU B 121 -14.22 -16.45 -19.97
N PHE B 122 -13.59 -15.34 -20.36
CA PHE B 122 -14.14 -14.44 -21.36
C PHE B 122 -13.54 -14.71 -22.73
N PRO B 123 -14.34 -14.65 -23.79
CA PRO B 123 -13.80 -14.78 -25.14
C PRO B 123 -13.25 -13.46 -25.62
N PRO B 124 -12.50 -13.46 -26.72
CA PRO B 124 -12.06 -12.19 -27.32
C PRO B 124 -13.24 -11.40 -27.86
N SER B 125 -13.11 -10.08 -27.83
CA SER B 125 -14.16 -9.21 -28.32
C SER B 125 -14.09 -9.06 -29.84
N THR B 126 -15.20 -8.65 -30.43
CA THR B 126 -15.25 -8.44 -31.87
C THR B 126 -14.28 -7.36 -32.31
N GLU B 127 -14.10 -6.32 -31.49
CA GLU B 127 -13.19 -5.24 -31.87
C GLU B 127 -11.74 -5.73 -31.90
N GLU B 128 -11.34 -6.51 -30.90
CA GLU B 128 -9.98 -7.04 -30.91
C GLU B 128 -9.78 -8.02 -32.06
N LEU B 129 -10.79 -8.84 -32.34
CA LEU B 129 -10.72 -9.75 -33.49
C LEU B 129 -10.57 -8.99 -34.80
N ASN B 130 -11.18 -7.81 -34.89
CA ASN B 130 -11.01 -6.97 -36.08
C ASN B 130 -9.59 -6.45 -36.21
N GLY B 131 -8.81 -6.47 -35.12
CA GLY B 131 -7.41 -6.09 -35.17
C GLY B 131 -6.50 -7.29 -35.32
N ASN B 132 -7.08 -8.42 -35.75
CA ASN B 132 -6.35 -9.66 -35.98
C ASN B 132 -5.69 -10.20 -34.72
N LYS B 133 -6.31 -9.96 -33.56
CA LYS B 133 -5.80 -10.44 -32.28
C LYS B 133 -6.95 -10.98 -31.45
N ALA B 134 -6.63 -11.91 -30.54
CA ALA B 134 -7.64 -12.54 -29.71
C ALA B 134 -7.04 -12.85 -28.35
N THR B 135 -7.58 -12.22 -27.30
CA THR B 135 -7.12 -12.42 -25.94
C THR B 135 -8.22 -13.11 -25.14
N LEU B 136 -7.90 -14.29 -24.59
CA LEU B 136 -8.80 -15.02 -23.72
C LEU B 136 -8.45 -14.69 -22.28
N VAL B 137 -9.44 -14.26 -21.51
CA VAL B 137 -9.23 -13.75 -20.15
C VAL B 137 -9.88 -14.72 -19.17
N CYS B 138 -9.06 -15.31 -18.31
CA CYS B 138 -9.51 -16.23 -17.28
C CYS B 138 -9.35 -15.54 -15.92
N LEU B 139 -10.46 -15.19 -15.29
CA LEU B 139 -10.46 -14.47 -14.02
C LEU B 139 -10.76 -15.44 -12.88
N ILE B 140 -9.88 -15.46 -11.89
CA ILE B 140 -9.94 -16.40 -10.78
C ILE B 140 -10.05 -15.59 -9.49
N SER B 141 -11.06 -15.90 -8.67
CA SER B 141 -11.33 -15.08 -7.49
C SER B 141 -11.84 -15.94 -6.34
N ASP B 142 -11.64 -15.42 -5.13
CA ASP B 142 -12.27 -15.93 -3.91
C ASP B 142 -11.75 -17.32 -3.52
N PHE B 143 -10.47 -17.56 -3.71
CA PHE B 143 -9.87 -18.83 -3.30
C PHE B 143 -8.93 -18.62 -2.12
N TYR B 144 -8.88 -19.63 -1.24
CA TYR B 144 -8.01 -19.63 -0.08
C TYR B 144 -7.64 -21.08 0.19
N PRO B 145 -6.34 -21.39 0.41
CA PRO B 145 -5.20 -20.47 0.47
C PRO B 145 -4.84 -19.87 -0.90
N GLY B 146 -3.88 -18.95 -0.91
CA GLY B 146 -3.58 -18.18 -2.11
C GLY B 146 -2.56 -18.81 -3.03
N SER B 147 -2.92 -19.95 -3.64
CA SER B 147 -2.05 -20.59 -4.61
C SER B 147 -2.91 -21.43 -5.54
N VAL B 148 -2.86 -21.12 -6.84
CA VAL B 148 -3.57 -21.89 -7.86
C VAL B 148 -2.60 -22.20 -9.00
N THR B 149 -2.93 -23.25 -9.74
CA THR B 149 -2.20 -23.62 -10.94
C THR B 149 -3.17 -23.59 -12.12
N VAL B 150 -2.78 -22.90 -13.18
CA VAL B 150 -3.62 -22.69 -14.36
C VAL B 150 -3.07 -23.50 -15.51
N VAL B 151 -3.94 -24.20 -16.22
CA VAL B 151 -3.58 -24.95 -17.42
C VAL B 151 -4.56 -24.58 -18.52
N TRP B 152 -4.04 -24.20 -19.68
CA TRP B 152 -4.86 -23.88 -20.84
C TRP B 152 -4.88 -25.07 -21.79
N LYS B 153 -6.04 -25.30 -22.42
CA LYS B 153 -6.23 -26.43 -23.31
C LYS B 153 -7.05 -26.02 -24.51
N ALA B 154 -6.72 -26.58 -25.67
CA ALA B 154 -7.47 -26.36 -26.90
C ALA B 154 -7.61 -27.69 -27.62
N ASP B 155 -8.86 -28.14 -27.81
CA ASP B 155 -9.15 -29.39 -28.50
C ASP B 155 -8.40 -30.57 -27.87
N GLY B 156 -8.26 -30.54 -26.55
CA GLY B 156 -7.63 -31.61 -25.82
C GLY B 156 -6.12 -31.53 -25.70
N SER B 157 -5.50 -30.45 -26.15
CA SER B 157 -4.06 -30.30 -26.12
C SER B 157 -3.67 -29.12 -25.23
N THR B 158 -2.64 -29.32 -24.40
CA THR B 158 -2.19 -28.27 -23.50
C THR B 158 -1.53 -27.14 -24.28
N ILE B 159 -1.86 -25.90 -23.91
CA ILE B 159 -1.28 -24.72 -24.52
C ILE B 159 -0.24 -24.15 -23.55
N THR B 160 1.00 -24.04 -24.01
CA THR B 160 2.08 -23.42 -23.24
C THR B 160 2.48 -22.06 -23.78
N ARG B 161 2.51 -21.89 -25.10
CA ARG B 161 2.98 -20.64 -25.68
C ARG B 161 1.96 -19.53 -25.51
N ASN B 162 2.46 -18.30 -25.31
CA ASN B 162 1.64 -17.10 -25.22
C ASN B 162 0.66 -17.16 -24.05
N VAL B 163 1.06 -17.77 -22.95
CA VAL B 163 0.27 -17.82 -21.72
C VAL B 163 0.99 -17.00 -20.67
N GLU B 164 0.23 -16.13 -19.98
CA GLU B 164 0.78 -15.33 -18.90
C GLU B 164 -0.22 -15.33 -17.75
N THR B 165 0.22 -15.74 -16.57
CA THR B 165 -0.62 -15.86 -15.39
C THR B 165 -0.04 -15.03 -14.27
N THR B 166 -0.89 -14.26 -13.59
CA THR B 166 -0.45 -13.40 -12.51
C THR B 166 -0.21 -14.20 -11.24
N ARG B 167 0.46 -13.56 -10.29
CA ARG B 167 0.53 -14.07 -8.93
C ARG B 167 -0.85 -14.01 -8.27
N ALA B 168 -1.00 -14.72 -7.17
CA ALA B 168 -2.21 -14.62 -6.37
C ALA B 168 -2.10 -13.36 -5.50
N SER B 169 -3.15 -12.53 -5.54
CA SER B 169 -3.17 -11.27 -4.82
C SER B 169 -4.31 -11.26 -3.82
N LYS B 170 -4.06 -10.69 -2.64
CA LYS B 170 -5.06 -10.66 -1.59
C LYS B 170 -6.25 -9.81 -1.99
N GLN B 171 -7.45 -10.29 -1.65
CA GLN B 171 -8.66 -9.50 -1.79
C GLN B 171 -8.98 -8.84 -0.45
N SER B 172 -10.08 -8.09 -0.41
CA SER B 172 -10.47 -7.42 0.83
C SER B 172 -10.87 -8.42 1.91
N ASN B 173 -11.58 -9.48 1.52
CA ASN B 173 -12.01 -10.52 2.46
C ASN B 173 -10.90 -11.53 2.77
N SER B 174 -9.64 -11.13 2.60
CA SER B 174 -8.48 -11.99 2.89
C SER B 174 -8.41 -13.19 1.94
N LYS B 175 -9.38 -13.33 1.04
CA LYS B 175 -9.27 -14.31 -0.02
C LYS B 175 -8.35 -13.78 -1.12
N TYR B 176 -8.10 -14.60 -2.13
CA TYR B 176 -7.11 -14.27 -3.15
C TYR B 176 -7.75 -14.24 -4.53
N ALA B 177 -7.11 -13.49 -5.43
CA ALA B 177 -7.52 -13.38 -6.82
C ALA B 177 -6.32 -13.57 -7.73
N ALA B 178 -6.59 -13.96 -8.97
CA ALA B 178 -5.55 -14.15 -9.96
C ALA B 178 -6.21 -14.13 -11.34
N SER B 179 -5.40 -13.86 -12.35
CA SER B 179 -5.87 -13.84 -13.73
CA SER B 179 -5.85 -13.81 -13.73
C SER B 179 -4.84 -14.48 -14.64
N SER B 180 -5.32 -15.07 -15.72
CA SER B 180 -4.47 -15.71 -16.72
C SER B 180 -4.93 -15.28 -18.10
N TYR B 181 -3.97 -14.95 -18.96
CA TYR B 181 -4.25 -14.40 -20.28
C TYR B 181 -3.63 -15.28 -21.35
N LEU B 182 -4.43 -15.68 -22.32
CA LEU B 182 -3.97 -16.40 -23.51
C LEU B 182 -4.02 -15.44 -24.68
N SER B 183 -2.86 -15.02 -25.17
CA SER B 183 -2.76 -14.00 -26.21
C SER B 183 -2.56 -14.71 -27.54
N LEU B 184 -3.63 -14.80 -28.33
CA LEU B 184 -3.61 -15.45 -29.63
C LEU B 184 -3.86 -14.43 -30.73
N THR B 185 -3.71 -14.89 -31.97
CA THR B 185 -4.14 -14.13 -33.13
C THR B 185 -5.60 -14.46 -33.44
N SER B 186 -6.18 -13.69 -34.37
CA SER B 186 -7.55 -13.96 -34.77
C SER B 186 -7.68 -15.33 -35.43
N SER B 187 -6.68 -15.72 -36.23
CA SER B 187 -6.73 -17.00 -36.91
C SER B 187 -6.59 -18.16 -35.92
N ASP B 188 -5.66 -18.03 -34.96
CA ASP B 188 -5.50 -19.09 -33.97
C ASP B 188 -6.79 -19.30 -33.18
N TRP B 189 -7.51 -18.22 -32.89
CA TRP B 189 -8.76 -18.33 -32.15
C TRP B 189 -9.79 -19.14 -32.95
N LYS B 190 -9.99 -18.80 -34.21
CA LYS B 190 -10.97 -19.49 -35.04
C LYS B 190 -10.52 -20.87 -35.50
N SER B 191 -9.26 -21.22 -35.31
CA SER B 191 -8.76 -22.50 -35.81
C SER B 191 -9.22 -23.66 -34.93
N LYS B 192 -9.24 -23.46 -33.62
CA LYS B 192 -9.55 -24.53 -32.70
C LYS B 192 -11.06 -24.64 -32.46
N GLY B 193 -11.48 -25.81 -31.98
CA GLY B 193 -12.90 -26.02 -31.72
C GLY B 193 -13.36 -25.50 -30.38
N SER B 194 -12.50 -25.53 -29.37
CA SER B 194 -12.85 -25.01 -28.05
C SER B 194 -11.57 -24.81 -27.24
N TYR B 195 -11.58 -23.79 -26.39
CA TYR B 195 -10.50 -23.51 -25.47
C TYR B 195 -10.98 -23.70 -24.04
N SER B 196 -10.05 -24.05 -23.15
CA SER B 196 -10.39 -24.32 -21.76
C SER B 196 -9.35 -23.71 -20.84
N CYS B 197 -9.82 -23.11 -19.74
CA CYS B 197 -8.97 -22.63 -18.66
C CYS B 197 -9.23 -23.50 -17.44
N GLU B 198 -8.25 -24.30 -17.05
CA GLU B 198 -8.38 -25.25 -15.96
C GLU B 198 -7.60 -24.73 -14.76
N VAL B 199 -8.31 -24.41 -13.69
CA VAL B 199 -7.72 -23.84 -12.47
C VAL B 199 -7.75 -24.90 -11.39
N THR B 200 -6.58 -25.27 -10.89
CA THR B 200 -6.44 -26.28 -9.84
C THR B 200 -6.12 -25.60 -8.52
N HIS B 201 -6.85 -25.99 -7.47
CA HIS B 201 -6.67 -25.40 -6.15
C HIS B 201 -6.90 -26.47 -5.10
N GLU B 202 -5.85 -26.78 -4.33
CA GLU B 202 -5.89 -27.80 -3.29
C GLU B 202 -6.36 -29.15 -3.84
N GLY B 203 -5.78 -29.53 -4.98
CA GLY B 203 -6.11 -30.79 -5.61
C GLY B 203 -7.41 -30.83 -6.38
N SER B 204 -8.23 -29.78 -6.30
CA SER B 204 -9.50 -29.72 -7.01
C SER B 204 -9.39 -28.75 -8.17
N THR B 205 -10.03 -29.11 -9.29
CA THR B 205 -9.89 -28.37 -10.55
C THR B 205 -11.25 -27.85 -11.00
N VAL B 206 -11.31 -26.55 -11.29
CA VAL B 206 -12.48 -25.90 -11.84
C VAL B 206 -12.15 -25.47 -13.27
N THR B 207 -13.00 -25.86 -14.22
CA THR B 207 -12.73 -25.65 -15.64
C THR B 207 -13.87 -24.90 -16.29
N LYS B 208 -13.55 -23.84 -17.02
CA LYS B 208 -14.49 -23.11 -17.86
C LYS B 208 -13.98 -23.15 -19.30
N THR B 209 -14.91 -23.29 -20.25
CA THR B 209 -14.55 -23.43 -21.65
C THR B 209 -15.35 -22.47 -22.50
N VAL B 210 -14.76 -22.08 -23.63
CA VAL B 210 -15.43 -21.30 -24.66
C VAL B 210 -15.17 -21.96 -26.01
N LYS B 211 -16.12 -21.82 -26.92
CA LYS B 211 -16.02 -22.40 -28.25
C LYS B 211 -16.15 -21.29 -29.30
N PRO B 212 -15.17 -21.12 -30.18
CA PRO B 212 -15.19 -19.99 -31.13
C PRO B 212 -16.38 -20.01 -32.08
N SER B 213 -16.98 -21.16 -32.34
CA SER B 213 -18.12 -21.20 -33.26
C SER B 213 -19.34 -20.50 -32.69
N GLU B 214 -19.50 -20.51 -31.36
CA GLU B 214 -20.65 -19.91 -30.73
C GLU B 214 -20.33 -18.60 -30.00
N CYS B 215 -19.06 -18.21 -29.91
CA CYS B 215 -18.67 -16.93 -29.33
C CYS B 215 -18.48 -15.94 -30.47
N SER B 216 -19.60 -15.49 -31.03
CA SER B 216 -19.59 -14.56 -32.16
C SER B 216 -20.85 -13.71 -32.18
#